data_1Q0Z
#
_entry.id   1Q0Z
#
_cell.length_a   38.106
_cell.length_b   84.875
_cell.length_c   44.389
_cell.angle_alpha   90.00
_cell.angle_beta   99.99
_cell.angle_gamma   90.00
#
_symmetry.space_group_name_H-M   'P 1 21 1'
#
loop_
_entity.id
_entity.type
_entity.pdbx_description
1 polymer 'aclacinomycin methylesterase'
2 non-polymer '10-DECARBOXYMETHYLACLACINOMYCIN A (DCMAA)'
3 non-polymer 'SULFATE ION'
4 non-polymer 'PENTAETHYLENE GLYCOL'
5 water water
#
_entity_poly.entity_id   1
_entity_poly.type   'polypeptide(L)'
_entity_poly.pdbx_seq_one_letter_code
;MSERIVPSGDVELWSDDFGDPADPALLLVMGGNLSALGWPDEFARRLADGGLHVIRYDHRDTGRSTTRDFAAHPYGFGEL
AADAVAVLDGWGVDRAHVVGLSMGATITQVIALDHHDRLSSLTMLLGGGLDIDFDANIERVMRGEPTLDGLPGPQQPFLD
ALALMNQPAEGRAAEVAKRVSKWRILSGTGVPFDDAEYARWEERAIDHAGGVLAEPYAHYSLTLPPPSRAAELREVTVPT
LVIQAEHDPIAPAPHGKHLAGLIPTARLAEIPGMGHALPSSVHGPLAEVILAHTRSAA
;
_entity_poly.pdbx_strand_id   A
#
# COMPACT_ATOMS: atom_id res chain seq x y z
N SER A 2 -9.96 14.52 -11.61
CA SER A 2 -11.11 13.84 -12.26
C SER A 2 -11.13 12.38 -11.88
N GLU A 3 -12.23 11.70 -12.20
CA GLU A 3 -12.28 10.26 -11.97
C GLU A 3 -12.70 9.51 -13.23
N ARG A 4 -12.35 8.24 -13.29
CA ARG A 4 -12.80 7.37 -14.38
C ARG A 4 -12.81 5.92 -13.96
N ILE A 5 -13.66 5.14 -14.61
CA ILE A 5 -13.72 3.69 -14.44
C ILE A 5 -12.92 3.09 -15.57
N VAL A 6 -11.91 2.30 -15.25
CA VAL A 6 -11.05 1.69 -16.26
C VAL A 6 -11.29 0.17 -16.31
N PRO A 7 -11.30 -0.41 -17.53
CA PRO A 7 -11.43 -1.86 -17.69
C PRO A 7 -10.11 -2.63 -17.40
N SER A 8 -10.25 -3.79 -16.80
CA SER A 8 -9.14 -4.70 -16.54
C SER A 8 -9.64 -6.14 -16.58
N GLY A 9 -9.72 -6.72 -17.77
CA GLY A 9 -10.19 -8.09 -17.92
C GLY A 9 -11.67 -8.14 -17.59
N ASP A 10 -12.02 -8.89 -16.55
CA ASP A 10 -13.42 -9.03 -16.17
C ASP A 10 -13.83 -8.15 -14.97
N VAL A 11 -12.95 -7.22 -14.56
CA VAL A 11 -13.32 -6.23 -13.54
C VAL A 11 -13.24 -4.81 -14.09
N GLU A 12 -13.88 -3.89 -13.37
CA GLU A 12 -13.80 -2.48 -13.64
C GLU A 12 -13.21 -1.80 -12.41
N LEU A 13 -12.28 -0.88 -12.62
CA LEU A 13 -11.59 -0.25 -11.49
C LEU A 13 -11.89 1.23 -11.46
N TRP A 14 -12.32 1.73 -10.30
CA TRP A 14 -12.50 3.15 -10.07
C TRP A 14 -11.13 3.80 -9.81
N SER A 15 -10.92 4.95 -10.41
CA SER A 15 -9.67 5.69 -10.28
C SER A 15 -9.91 7.19 -10.30
N ASP A 16 -9.09 7.95 -9.60
CA ASP A 16 -9.08 9.40 -9.73
C ASP A 16 -7.66 9.93 -9.73
N ASP A 17 -7.49 11.21 -10.00
CA ASP A 17 -6.16 11.80 -10.08
C ASP A 17 -6.03 13.13 -9.35
N PHE A 18 -4.78 13.60 -9.30
CA PHE A 18 -4.36 14.83 -8.65
C PHE A 18 -3.24 15.44 -9.51
N GLY A 19 -3.26 16.76 -9.61
CA GLY A 19 -2.19 17.49 -10.28
C GLY A 19 -2.42 17.60 -11.76
N ASP A 20 -1.36 18.03 -12.45
CA ASP A 20 -1.42 18.34 -13.88
C ASP A 20 -1.23 17.04 -14.65
N PRO A 21 -2.19 16.67 -15.52
CA PRO A 21 -2.05 15.46 -16.33
C PRO A 21 -0.81 15.44 -17.25
N ALA A 22 -0.13 16.58 -17.46
CA ALA A 22 1.11 16.64 -18.25
C ALA A 22 2.37 16.34 -17.45
N ASP A 23 2.28 16.38 -16.12
CA ASP A 23 3.42 16.05 -15.28
C ASP A 23 3.61 14.53 -15.28
N PRO A 24 4.84 14.07 -14.98
CA PRO A 24 5.14 12.64 -14.97
C PRO A 24 4.19 11.85 -14.07
N ALA A 25 3.76 10.68 -14.54
CA ALA A 25 2.80 9.85 -13.81
C ALA A 25 3.40 9.22 -12.55
N LEU A 26 2.63 9.28 -11.46
CA LEU A 26 2.93 8.63 -10.19
C LEU A 26 1.69 7.81 -9.84
N LEU A 27 1.83 6.49 -9.79
CA LEU A 27 0.72 5.60 -9.47
C LEU A 27 0.85 5.13 -8.02
N LEU A 28 -0.17 5.41 -7.22
CA LEU A 28 -0.23 5.00 -5.83
C LEU A 28 -0.97 3.68 -5.73
N VAL A 29 -0.32 2.71 -5.09
CA VAL A 29 -0.86 1.36 -4.92
C VAL A 29 -1.02 1.09 -3.43
N MET A 30 -2.28 1.04 -2.98
CA MET A 30 -2.64 0.89 -1.56
C MET A 30 -2.39 -0.52 -1.02
N GLY A 31 -2.49 -0.65 0.29
CA GLY A 31 -2.35 -1.93 0.96
C GLY A 31 -3.60 -2.77 0.89
N GLY A 32 -3.60 -3.88 1.61
CA GLY A 32 -4.70 -4.84 1.58
C GLY A 32 -6.03 -4.30 2.08
N ASN A 33 -7.12 -4.58 1.36
CA ASN A 33 -8.46 -4.21 1.74
C ASN A 33 -8.66 -2.71 1.90
N LEU A 34 -7.79 -1.93 1.26
CA LEU A 34 -7.85 -0.48 1.33
C LEU A 34 -8.15 0.08 -0.06
N SER A 35 -9.20 0.90 -0.14
CA SER A 35 -9.57 1.57 -1.37
C SER A 35 -8.59 2.71 -1.68
N ALA A 36 -8.89 3.46 -2.73
CA ALA A 36 -8.13 4.68 -3.07
C ALA A 36 -8.00 5.61 -1.88
N LEU A 37 -9.05 5.66 -1.06
CA LEU A 37 -9.14 6.63 0.03
C LEU A 37 -8.25 6.28 1.24
N GLY A 38 -7.55 5.14 1.17
CA GLY A 38 -6.44 4.84 2.05
C GLY A 38 -5.24 5.76 1.87
N TRP A 39 -5.14 6.38 0.69
CA TRP A 39 -4.20 7.46 0.42
C TRP A 39 -4.97 8.75 0.70
N PRO A 40 -4.68 9.43 1.79
CA PRO A 40 -5.41 10.67 2.09
C PRO A 40 -5.32 11.64 0.95
N ASP A 41 -6.43 12.30 0.63
CA ASP A 41 -6.43 13.33 -0.39
C ASP A 41 -5.28 14.33 -0.20
N GLU A 42 -5.08 14.74 1.03
CA GLU A 42 -4.07 15.73 1.35
C GLU A 42 -2.64 15.24 1.08
N PHE A 43 -2.39 13.94 1.23
CA PHE A 43 -1.09 13.39 0.92
C PHE A 43 -0.86 13.34 -0.59
N ALA A 44 -1.87 12.84 -1.30
CA ALA A 44 -1.83 12.81 -2.76
C ALA A 44 -1.58 14.21 -3.35
N ARG A 45 -2.25 15.24 -2.82
CA ARG A 45 -1.99 16.63 -3.24
C ARG A 45 -0.59 17.13 -2.95
N ARG A 46 -0.07 16.80 -1.78
CA ARG A 46 1.28 17.23 -1.40
C ARG A 46 2.30 16.65 -2.37
N LEU A 47 2.08 15.39 -2.76
CA LEU A 47 2.90 14.75 -3.77
C LEU A 47 2.73 15.41 -5.14
N ALA A 48 1.49 15.57 -5.57
CA ALA A 48 1.19 16.11 -6.88
C ALA A 48 1.77 17.53 -7.01
N ASP A 49 1.70 18.30 -5.94
CA ASP A 49 2.16 19.70 -5.95
C ASP A 49 3.69 19.84 -6.01
N GLY A 50 4.42 18.73 -5.99
CA GLY A 50 5.85 18.75 -6.27
C GLY A 50 6.21 18.62 -7.75
N GLY A 51 5.22 18.40 -8.61
CA GLY A 51 5.44 18.20 -10.04
C GLY A 51 5.10 16.83 -10.60
N LEU A 52 4.04 16.20 -10.06
CA LEU A 52 3.61 14.84 -10.45
C LEU A 52 2.12 14.75 -10.75
N HIS A 53 1.77 13.92 -11.72
CA HIS A 53 0.39 13.54 -12.01
C HIS A 53 0.08 12.30 -11.20
N VAL A 54 -0.53 12.50 -10.04
CA VAL A 54 -0.76 11.41 -9.12
C VAL A 54 -2.09 10.72 -9.41
N ILE A 55 -2.03 9.39 -9.54
CA ILE A 55 -3.18 8.57 -9.88
C ILE A 55 -3.31 7.52 -8.79
N ARG A 56 -4.50 7.39 -8.23
CA ARG A 56 -4.77 6.33 -7.26
C ARG A 56 -6.02 5.61 -7.72
N TYR A 57 -6.29 4.47 -7.11
CA TYR A 57 -7.42 3.67 -7.51
C TYR A 57 -7.85 2.72 -6.43
N ASP A 58 -9.02 2.15 -6.63
CA ASP A 58 -9.55 1.11 -5.77
C ASP A 58 -9.17 -0.25 -6.32
N HIS A 59 -8.45 -1.05 -5.54
CA HIS A 59 -8.30 -2.48 -5.87
C HIS A 59 -9.67 -3.11 -6.07
N ARG A 60 -9.75 -4.11 -6.94
CA ARG A 60 -10.93 -4.95 -6.95
C ARG A 60 -11.29 -5.39 -5.53
N ASP A 61 -12.59 -5.46 -5.25
CA ASP A 61 -13.16 -5.72 -3.94
C ASP A 61 -13.01 -4.63 -2.90
N THR A 62 -12.68 -3.40 -3.34
CA THR A 62 -12.67 -2.23 -2.48
C THR A 62 -13.39 -1.08 -3.21
N GLY A 63 -13.84 -0.13 -2.42
CA GLY A 63 -14.38 1.12 -2.92
C GLY A 63 -15.46 0.87 -3.96
N ARG A 64 -15.27 1.43 -5.15
CA ARG A 64 -16.27 1.39 -6.21
C ARG A 64 -15.85 0.47 -7.36
N SER A 65 -14.80 -0.33 -7.13
CA SER A 65 -14.38 -1.32 -8.11
C SER A 65 -15.22 -2.59 -7.98
N THR A 66 -15.25 -3.40 -9.04
CA THR A 66 -15.98 -4.68 -9.04
C THR A 66 -15.74 -5.43 -7.75
N THR A 67 -16.85 -5.78 -7.09
CA THR A 67 -16.81 -6.52 -5.85
C THR A 67 -17.68 -7.77 -5.99
N ARG A 68 -17.10 -8.88 -5.54
CA ARG A 68 -17.46 -10.23 -5.97
C ARG A 68 -17.19 -11.20 -4.80
N ASP A 69 -17.88 -12.34 -4.80
CA ASP A 69 -17.57 -13.43 -3.88
C ASP A 69 -16.22 -14.05 -4.28
N PHE A 70 -15.19 -13.84 -3.46
CA PHE A 70 -13.87 -14.36 -3.79
C PHE A 70 -13.89 -15.86 -4.11
N ALA A 71 -14.63 -16.63 -3.31
CA ALA A 71 -14.64 -18.08 -3.44
C ALA A 71 -15.11 -18.55 -4.81
N ALA A 72 -16.10 -17.84 -5.38
CA ALA A 72 -16.59 -18.08 -6.75
C ALA A 72 -15.68 -17.58 -7.86
N HIS A 73 -14.78 -16.64 -7.55
CA HIS A 73 -13.93 -16.04 -8.58
C HIS A 73 -12.56 -15.65 -8.02
N PRO A 74 -11.70 -16.63 -7.79
CA PRO A 74 -10.45 -16.41 -7.05
C PRO A 74 -9.41 -15.69 -7.90
N TYR A 75 -8.59 -14.89 -7.24
CA TYR A 75 -7.47 -14.24 -7.89
C TYR A 75 -6.28 -14.12 -6.92
N GLY A 76 -5.13 -13.75 -7.47
CA GLY A 76 -3.92 -13.54 -6.68
C GLY A 76 -3.20 -12.25 -7.02
N PHE A 77 -1.92 -12.21 -6.69
CA PHE A 77 -1.11 -11.00 -6.88
C PHE A 77 -0.82 -10.74 -8.34
N GLY A 78 -0.89 -11.78 -9.16
CA GLY A 78 -0.77 -11.62 -10.60
C GLY A 78 -1.87 -10.71 -11.12
N GLU A 79 -3.09 -10.94 -10.66
CA GLU A 79 -4.22 -10.11 -11.03
C GLU A 79 -4.14 -8.70 -10.47
N LEU A 80 -3.75 -8.58 -9.21
CA LEU A 80 -3.61 -7.27 -8.57
C LEU A 80 -2.59 -6.39 -9.27
N ALA A 81 -1.51 -7.02 -9.75
CA ALA A 81 -0.45 -6.30 -10.44
C ALA A 81 -0.87 -5.91 -11.87
N ALA A 82 -1.53 -6.82 -12.57
CA ALA A 82 -2.02 -6.53 -13.91
C ALA A 82 -3.08 -5.41 -13.84
N ASP A 83 -3.82 -5.37 -12.73
CA ASP A 83 -4.85 -4.37 -12.52
C ASP A 83 -4.22 -2.98 -12.40
N ALA A 84 -3.09 -2.90 -11.69
CA ALA A 84 -2.34 -1.65 -11.54
C ALA A 84 -1.88 -1.14 -12.90
N VAL A 85 -1.41 -2.06 -13.73
CA VAL A 85 -0.98 -1.73 -15.10
C VAL A 85 -2.18 -1.31 -15.98
N ALA A 86 -3.33 -1.98 -15.82
CA ALA A 86 -4.60 -1.59 -16.47
C ALA A 86 -5.02 -0.17 -16.13
N VAL A 87 -4.75 0.28 -14.91
CA VAL A 87 -5.00 1.68 -14.53
C VAL A 87 -4.10 2.61 -15.34
N LEU A 88 -2.83 2.25 -15.47
CA LEU A 88 -1.95 3.01 -16.36
C LEU A 88 -2.52 3.04 -17.79
N ASP A 89 -2.97 1.90 -18.31
CA ASP A 89 -3.57 1.85 -19.65
C ASP A 89 -4.78 2.80 -19.72
N GLY A 90 -5.58 2.80 -18.67
CA GLY A 90 -6.82 3.56 -18.61
C GLY A 90 -6.59 5.06 -18.65
N TRP A 91 -5.43 5.51 -18.19
CA TRP A 91 -5.05 6.92 -18.21
C TRP A 91 -4.05 7.25 -19.31
N GLY A 92 -3.80 6.31 -20.22
CA GLY A 92 -2.89 6.58 -21.33
C GLY A 92 -1.41 6.72 -20.96
N VAL A 93 -0.99 6.07 -19.89
CA VAL A 93 0.36 6.27 -19.35
C VAL A 93 1.22 5.09 -19.76
N ASP A 94 2.36 5.35 -20.40
CA ASP A 94 3.26 4.29 -20.84
C ASP A 94 4.12 3.75 -19.67
N ARG A 95 4.82 4.65 -18.99
CA ARG A 95 5.64 4.32 -17.82
C ARG A 95 5.34 5.28 -16.70
N ALA A 96 5.31 4.74 -15.47
CA ALA A 96 4.95 5.53 -14.28
C ALA A 96 5.92 5.26 -13.15
N HIS A 97 6.09 6.27 -12.30
CA HIS A 97 6.73 6.10 -11.01
C HIS A 97 5.66 5.41 -10.18
N VAL A 98 5.94 4.19 -9.70
CA VAL A 98 4.95 3.47 -8.90
C VAL A 98 5.37 3.43 -7.43
N VAL A 99 4.38 3.59 -6.54
CA VAL A 99 4.58 3.62 -5.09
C VAL A 99 3.68 2.57 -4.45
N GLY A 100 4.28 1.54 -3.84
CA GLY A 100 3.53 0.48 -3.20
C GLY A 100 3.66 0.53 -1.68
N LEU A 101 2.52 0.50 -1.00
CA LEU A 101 2.46 0.61 0.44
C LEU A 101 1.90 -0.68 1.03
N SER A 102 2.62 -1.23 2.02
CA SER A 102 2.18 -2.40 2.79
C SER A 102 1.99 -3.62 1.86
N MET A 103 0.79 -4.23 1.82
CA MET A 103 0.56 -5.32 0.87
C MET A 103 0.79 -4.86 -0.59
N GLY A 104 0.63 -3.56 -0.82
CA GLY A 104 0.88 -2.94 -2.10
C GLY A 104 2.32 -2.99 -2.56
N ALA A 105 3.26 -3.03 -1.61
CA ALA A 105 4.66 -3.23 -1.93
C ALA A 105 4.90 -4.63 -2.48
N THR A 106 4.14 -5.62 -2.01
CA THR A 106 4.18 -6.97 -2.61
C THR A 106 3.69 -6.93 -4.06
N ILE A 107 2.58 -6.22 -4.28
CA ILE A 107 2.03 -6.04 -5.60
C ILE A 107 3.07 -5.39 -6.53
N THR A 108 3.80 -4.40 -6.03
CA THR A 108 4.68 -3.61 -6.90
C THR A 108 5.95 -4.39 -7.21
N GLN A 109 6.33 -5.31 -6.32
CA GLN A 109 7.36 -6.28 -6.65
C GLN A 109 6.93 -7.17 -7.83
N VAL A 110 5.67 -7.60 -7.84
CA VAL A 110 5.16 -8.38 -8.98
C VAL A 110 5.12 -7.54 -10.26
N ILE A 111 4.69 -6.28 -10.17
CA ILE A 111 4.77 -5.36 -11.33
C ILE A 111 6.19 -5.27 -11.85
N ALA A 112 7.16 -5.17 -10.94
CA ALA A 112 8.54 -4.96 -11.32
C ALA A 112 9.09 -6.17 -12.04
N LEU A 113 8.60 -7.34 -11.70
CA LEU A 113 9.06 -8.61 -12.28
C LEU A 113 8.40 -8.89 -13.63
N ASP A 114 7.09 -8.63 -13.71
CA ASP A 114 6.28 -9.07 -14.84
C ASP A 114 5.76 -7.96 -15.73
N HIS A 115 5.87 -6.70 -15.28
CA HIS A 115 5.48 -5.54 -16.08
C HIS A 115 6.53 -4.44 -15.96
N HIS A 116 7.79 -4.87 -15.98
CA HIS A 116 8.91 -3.96 -15.74
C HIS A 116 8.98 -2.83 -16.76
N ASP A 117 8.49 -3.11 -17.97
CA ASP A 117 8.47 -2.17 -19.09
C ASP A 117 7.56 -0.95 -18.88
N ARG A 118 6.75 -0.99 -17.83
CA ARG A 118 5.77 0.04 -17.50
C ARG A 118 6.22 0.95 -16.35
N LEU A 119 7.48 0.80 -15.94
CA LEU A 119 8.00 1.48 -14.77
C LEU A 119 9.06 2.51 -15.14
N SER A 120 8.90 3.70 -14.57
CA SER A 120 9.92 4.76 -14.56
C SER A 120 10.78 4.62 -13.33
N SER A 121 10.14 4.30 -12.22
CA SER A 121 10.79 4.06 -10.96
C SER A 121 9.86 3.30 -10.02
N LEU A 122 10.43 2.80 -8.94
CA LEU A 122 9.69 2.01 -7.95
C LEU A 122 9.97 2.54 -6.56
N THR A 123 8.92 2.71 -5.77
CA THR A 123 9.04 3.07 -4.38
C THR A 123 8.22 2.10 -3.58
N MET A 124 8.78 1.59 -2.49
CA MET A 124 8.03 0.70 -1.61
C MET A 124 8.22 1.10 -0.16
N LEU A 125 7.14 1.03 0.60
CA LEU A 125 7.19 1.37 2.02
C LEU A 125 6.22 0.49 2.78
N LEU A 126 6.49 0.38 4.08
CA LEU A 126 5.64 -0.37 5.02
C LEU A 126 5.48 -1.85 4.61
N GLY A 127 6.45 -2.35 3.83
CA GLY A 127 6.34 -3.66 3.20
C GLY A 127 7.60 -4.50 3.39
N GLY A 128 7.64 -5.63 2.73
CA GLY A 128 8.82 -6.50 2.81
C GLY A 128 8.97 -7.36 1.58
N GLY A 129 10.06 -8.13 1.55
CA GLY A 129 10.43 -8.87 0.36
C GLY A 129 9.51 -10.01 0.04
N LEU A 130 9.49 -10.41 -1.24
CA LEU A 130 8.71 -11.59 -1.68
C LEU A 130 9.15 -12.88 -1.01
N ASP A 131 10.37 -12.90 -0.48
CA ASP A 131 10.86 -14.08 0.28
C ASP A 131 10.44 -14.15 1.75
N ILE A 132 9.68 -13.16 2.20
CA ILE A 132 9.12 -13.14 3.54
C ILE A 132 7.75 -13.83 3.51
N ASP A 133 7.67 -14.97 4.18
CA ASP A 133 6.46 -15.77 4.24
C ASP A 133 5.50 -15.16 5.26
N PHE A 134 4.94 -14.01 4.91
CA PHE A 134 4.24 -13.18 5.87
C PHE A 134 3.11 -13.89 6.64
N ASP A 135 2.25 -14.60 5.92
CA ASP A 135 1.10 -15.23 6.56
C ASP A 135 1.54 -16.29 7.55
N ALA A 136 2.46 -17.13 7.10
CA ALA A 136 3.06 -18.13 7.98
C ALA A 136 3.74 -17.49 9.18
N ASN A 137 4.31 -16.30 8.98
CA ASN A 137 5.01 -15.61 10.07
C ASN A 137 4.04 -15.09 11.12
N ILE A 138 2.82 -14.74 10.73
CA ILE A 138 1.81 -14.26 11.70
C ILE A 138 1.48 -15.41 12.63
N GLU A 139 1.28 -16.58 12.02
CA GLU A 139 1.02 -17.83 12.71
C GLU A 139 2.18 -18.18 13.66
N ARG A 140 3.41 -17.98 13.22
CA ARG A 140 4.58 -18.31 14.03
C ARG A 140 4.74 -17.39 15.23
N VAL A 141 4.63 -16.08 15.02
CA VAL A 141 4.76 -15.14 16.15
C VAL A 141 3.72 -15.44 17.24
N MET A 142 2.50 -15.80 16.83
CA MET A 142 1.44 -16.08 17.80
C MET A 142 1.77 -17.34 18.63
N ARG A 143 2.48 -18.30 18.03
CA ARG A 143 2.84 -19.54 18.74
C ARG A 143 4.21 -19.48 19.37
N GLY A 144 4.86 -18.33 19.29
CA GLY A 144 6.19 -18.15 19.84
C GLY A 144 7.33 -18.77 19.05
N GLU A 145 7.09 -19.11 17.78
CA GLU A 145 8.11 -19.70 16.89
C GLU A 145 8.82 -18.55 16.20
N PRO A 146 10.12 -18.76 15.87
CA PRO A 146 10.87 -17.79 15.08
C PRO A 146 10.44 -17.83 13.61
N THR A 147 10.67 -16.74 12.91
CA THR A 147 10.40 -16.69 11.47
C THR A 147 11.51 -17.47 10.74
N LEU A 148 11.19 -18.12 9.62
CA LEU A 148 12.19 -18.91 8.91
C LEU A 148 13.19 -18.01 8.15
N ASP A 149 12.78 -16.76 7.88
CA ASP A 149 13.67 -15.77 7.25
C ASP A 149 14.65 -15.09 8.23
N GLY A 150 14.39 -15.19 9.54
CA GLY A 150 15.27 -14.63 10.55
C GLY A 150 15.08 -13.14 10.85
N LEU A 151 14.18 -12.49 10.14
CA LEU A 151 13.82 -11.10 10.39
C LEU A 151 12.63 -11.00 11.34
N PRO A 152 12.44 -9.86 11.99
CA PRO A 152 11.32 -9.71 12.92
C PRO A 152 9.95 -9.98 12.26
N GLY A 153 9.10 -10.70 12.98
CA GLY A 153 7.73 -10.87 12.57
C GLY A 153 6.91 -9.69 13.02
N PRO A 154 5.62 -9.69 12.66
CA PRO A 154 4.71 -8.65 13.18
C PRO A 154 4.74 -8.59 14.72
N GLN A 155 4.61 -7.38 15.25
CA GLN A 155 4.78 -7.11 16.68
C GLN A 155 3.42 -6.91 17.35
N GLN A 156 3.44 -6.66 18.65
CA GLN A 156 2.19 -6.61 19.45
C GLN A 156 1.12 -5.62 18.92
N PRO A 157 1.50 -4.40 18.51
CA PRO A 157 0.51 -3.46 17.97
C PRO A 157 -0.30 -3.99 16.77
N PHE A 158 0.33 -4.79 15.91
CA PHE A 158 -0.38 -5.41 14.79
C PHE A 158 -1.47 -6.36 15.27
N LEU A 159 -1.10 -7.19 16.24
CA LEU A 159 -1.99 -8.14 16.88
C LEU A 159 -3.12 -7.42 17.61
N ASP A 160 -2.78 -6.32 18.30
CA ASP A 160 -3.77 -5.48 19.00
C ASP A 160 -4.78 -4.93 18.01
N ALA A 161 -4.29 -4.49 16.86
CA ALA A 161 -5.11 -3.96 15.79
C ALA A 161 -6.09 -5.00 15.25
N LEU A 162 -5.64 -6.26 15.12
CA LEU A 162 -6.52 -7.35 14.64
C LEU A 162 -7.63 -7.63 15.65
N ALA A 163 -7.33 -7.53 16.94
CA ALA A 163 -8.30 -7.82 18.01
C ALA A 163 -9.41 -6.76 18.06
N LEU A 164 -9.03 -5.51 17.77
CA LEU A 164 -9.98 -4.40 17.65
C LEU A 164 -10.93 -4.61 16.50
N MET A 165 -10.39 -5.07 15.37
CA MET A 165 -11.16 -5.33 14.15
C MET A 165 -12.22 -6.42 14.38
N ASN A 166 -11.97 -7.35 15.32
CA ASN A 166 -12.90 -8.44 15.66
C ASN A 166 -14.01 -7.91 16.58
N GLN A 167 -13.85 -6.76 17.22
CA GLN A 167 -14.84 -6.13 18.13
C GLN A 167 -15.91 -5.41 17.31
N PRO A 168 -17.19 -5.35 17.83
CA PRO A 168 -18.36 -4.94 17.09
C PRO A 168 -18.51 -3.46 17.20
N ALA A 169 -18.97 -2.82 16.04
CA ALA A 169 -19.31 -1.39 15.95
C ALA A 169 -20.70 -1.21 15.30
N GLU A 170 -21.57 -0.54 16.01
CA GLU A 170 -22.94 -0.29 15.53
C GLU A 170 -23.10 1.17 15.12
N GLY A 171 -23.38 1.39 13.85
CA GLY A 171 -23.60 2.73 13.37
C GLY A 171 -22.32 3.35 12.82
N ARG A 172 -22.51 4.39 12.03
CA ARG A 172 -21.39 5.06 11.37
C ARG A 172 -20.38 5.66 12.36
N ALA A 173 -20.87 6.33 13.38
CA ALA A 173 -20.01 7.02 14.35
C ALA A 173 -19.06 6.03 15.03
N ALA A 174 -19.62 4.87 15.42
CA ALA A 174 -18.86 3.77 16.06
C ALA A 174 -17.85 3.13 15.10
N GLU A 175 -18.26 2.93 13.85
CA GLU A 175 -17.35 2.39 12.83
C GLU A 175 -16.11 3.28 12.60
N VAL A 176 -16.34 4.57 12.39
CA VAL A 176 -15.27 5.56 12.23
C VAL A 176 -14.34 5.59 13.44
N ALA A 177 -14.89 5.77 14.64
CA ALA A 177 -14.13 5.67 15.91
C ALA A 177 -13.27 4.41 16.02
N LYS A 178 -13.86 3.27 15.66
CA LYS A 178 -13.17 2.00 15.64
C LYS A 178 -11.99 2.01 14.69
N ARG A 179 -12.20 2.49 13.46
CA ARG A 179 -11.17 2.51 12.44
C ARG A 179 -10.02 3.41 12.86
N VAL A 180 -10.37 4.58 13.41
CA VAL A 180 -9.37 5.53 13.88
C VAL A 180 -8.55 4.92 15.03
N SER A 181 -9.20 4.19 15.95
CA SER A 181 -8.47 3.54 17.05
C SER A 181 -7.47 2.52 16.51
N LYS A 182 -7.84 1.82 15.43
CA LYS A 182 -6.95 0.87 14.75
C LYS A 182 -5.71 1.59 14.21
N TRP A 183 -5.93 2.72 13.54
CA TRP A 183 -4.82 3.45 12.93
C TRP A 183 -3.92 4.03 14.00
N ARG A 184 -4.51 4.45 15.11
CA ARG A 184 -3.76 5.06 16.20
C ARG A 184 -2.78 4.05 16.81
N ILE A 185 -3.28 2.83 17.01
CA ILE A 185 -2.47 1.68 17.41
C ILE A 185 -1.33 1.42 16.44
N LEU A 186 -1.64 1.39 15.16
CA LEU A 186 -0.64 1.02 14.16
C LEU A 186 0.40 2.12 13.94
N SER A 187 -0.03 3.37 14.05
CA SER A 187 0.85 4.53 13.90
C SER A 187 1.85 4.70 15.04
N GLY A 188 1.49 4.27 16.24
CA GLY A 188 2.36 4.37 17.40
C GLY A 188 2.40 5.82 17.85
N THR A 189 3.37 6.15 18.69
CA THR A 189 3.49 7.50 19.28
C THR A 189 4.74 8.24 18.79
N GLY A 190 5.49 7.60 17.88
CA GLY A 190 6.74 8.14 17.36
C GLY A 190 6.64 9.46 16.61
N VAL A 191 5.47 9.69 16.03
CA VAL A 191 5.11 10.94 15.36
C VAL A 191 3.71 11.36 15.82
N PRO A 192 3.41 12.65 15.77
CA PRO A 192 2.08 13.14 16.17
C PRO A 192 0.92 12.49 15.38
N PHE A 193 -0.06 11.94 16.09
CA PHE A 193 -1.24 11.33 15.48
C PHE A 193 -2.45 12.19 15.88
N ASP A 194 -3.27 12.54 14.89
CA ASP A 194 -4.44 13.38 15.10
C ASP A 194 -5.70 12.61 14.76
N ASP A 195 -6.55 12.41 15.77
CA ASP A 195 -7.70 11.55 15.62
C ASP A 195 -8.73 12.18 14.72
N ALA A 196 -8.86 13.51 14.79
CA ALA A 196 -9.85 14.21 14.01
C ALA A 196 -9.57 14.08 12.50
N GLU A 197 -8.31 14.16 12.09
CA GLU A 197 -7.97 14.05 10.68
C GLU A 197 -8.20 12.65 10.18
N TYR A 198 -7.83 11.65 10.97
CA TYR A 198 -8.05 10.27 10.55
C TYR A 198 -9.53 9.93 10.48
N ALA A 199 -10.34 10.51 11.37
CA ALA A 199 -11.79 10.34 11.34
C ALA A 199 -12.37 10.90 10.04
N ARG A 200 -11.85 12.04 9.57
CA ARG A 200 -12.34 12.61 8.35
C ARG A 200 -11.93 11.73 7.18
N TRP A 201 -10.70 11.22 7.20
CA TRP A 201 -10.28 10.32 6.13
C TRP A 201 -11.14 9.08 6.04
N GLU A 202 -11.55 8.55 7.19
CA GLU A 202 -12.43 7.38 7.22
C GLU A 202 -13.84 7.72 6.80
N GLU A 203 -14.33 8.91 7.15
CA GLU A 203 -15.65 9.33 6.71
C GLU A 203 -15.67 9.40 5.18
N ARG A 204 -14.62 9.96 4.59
CA ARG A 204 -14.50 9.99 3.13
C ARG A 204 -14.42 8.58 2.52
N ALA A 205 -13.69 7.67 3.17
CA ALA A 205 -13.57 6.29 2.68
C ALA A 205 -14.92 5.56 2.70
N ILE A 206 -15.70 5.83 3.74
CA ILE A 206 -17.03 5.24 3.87
C ILE A 206 -18.00 5.83 2.82
N ASP A 207 -18.03 7.15 2.67
CA ASP A 207 -18.79 7.82 1.62
C ASP A 207 -18.44 7.27 0.23
N HIS A 208 -17.14 7.07 -0.01
CA HIS A 208 -16.67 6.56 -1.27
C HIS A 208 -17.21 5.15 -1.55
N ALA A 209 -17.37 4.38 -0.49
CA ALA A 209 -17.99 3.05 -0.56
C ALA A 209 -19.53 3.07 -0.52
N GLY A 210 -20.14 4.19 -0.89
CA GLY A 210 -21.58 4.30 -0.92
C GLY A 210 -22.21 4.31 0.46
N GLY A 211 -21.42 4.69 1.47
CA GLY A 211 -21.86 4.75 2.86
C GLY A 211 -21.85 3.43 3.61
N VAL A 212 -21.42 2.36 2.94
CA VAL A 212 -21.38 1.02 3.50
C VAL A 212 -20.34 1.01 4.64
N LEU A 213 -20.72 0.48 5.79
CA LEU A 213 -19.83 0.48 6.96
C LEU A 213 -18.82 -0.66 7.03
N ALA A 214 -19.07 -1.75 6.32
CA ALA A 214 -18.19 -2.90 6.43
C ALA A 214 -16.88 -2.62 5.64
N GLU A 215 -15.75 -2.93 6.27
CA GLU A 215 -14.45 -2.91 5.60
C GLU A 215 -14.43 -3.97 4.49
N PRO A 216 -13.69 -3.74 3.41
CA PRO A 216 -13.40 -4.85 2.49
C PRO A 216 -12.71 -6.03 3.20
N TYR A 217 -12.94 -7.24 2.73
CA TYR A 217 -12.34 -8.42 3.36
C TYR A 217 -11.82 -9.47 2.37
N ALA A 218 -12.04 -9.28 1.08
CA ALA A 218 -11.68 -10.29 0.09
C ALA A 218 -10.19 -10.60 0.10
N HIS A 219 -9.37 -9.58 0.37
CA HIS A 219 -7.91 -9.75 0.31
C HIS A 219 -7.31 -10.67 1.38
N TYR A 220 -8.06 -10.95 2.44
CA TYR A 220 -7.66 -11.99 3.41
C TYR A 220 -7.59 -13.39 2.81
N SER A 221 -8.26 -13.61 1.67
CA SER A 221 -8.27 -14.92 0.99
C SER A 221 -7.14 -15.10 -0.02
N LEU A 222 -6.36 -14.04 -0.23
CA LEU A 222 -5.21 -14.06 -1.13
C LEU A 222 -4.12 -15.01 -0.64
N THR A 223 -3.44 -15.62 -1.60
CA THR A 223 -2.24 -16.38 -1.37
C THR A 223 -1.05 -15.56 -1.92
N LEU A 224 0.04 -15.49 -1.16
CA LEU A 224 1.23 -14.75 -1.56
C LEU A 224 1.97 -15.43 -2.70
N PRO A 225 2.74 -14.68 -3.49
CA PRO A 225 3.66 -15.30 -4.43
C PRO A 225 4.65 -16.20 -3.68
N PRO A 226 5.13 -17.27 -4.31
CA PRO A 226 6.10 -18.18 -3.69
C PRO A 226 7.41 -17.44 -3.48
N PRO A 227 8.20 -17.84 -2.48
CA PRO A 227 9.43 -17.12 -2.13
C PRO A 227 10.55 -17.21 -3.18
N SER A 228 10.44 -18.17 -4.10
CA SER A 228 11.33 -18.28 -5.26
C SER A 228 11.38 -17.00 -6.10
N ARG A 229 10.28 -16.24 -6.12
CA ARG A 229 10.22 -15.01 -6.93
C ARG A 229 11.18 -13.91 -6.48
N ALA A 230 11.54 -13.90 -5.20
CA ALA A 230 12.49 -12.94 -4.66
C ALA A 230 13.80 -12.87 -5.47
N ALA A 231 14.30 -14.05 -5.84
CA ALA A 231 15.53 -14.19 -6.63
C ALA A 231 15.48 -13.46 -7.98
N GLU A 232 14.28 -13.37 -8.56
CA GLU A 232 14.09 -12.70 -9.84
C GLU A 232 14.27 -11.18 -9.76
N LEU A 233 14.12 -10.61 -8.56
CA LEU A 233 14.27 -9.15 -8.36
C LEU A 233 15.72 -8.68 -8.63
N ARG A 234 16.68 -9.60 -8.68
CA ARG A 234 18.08 -9.32 -9.04
C ARG A 234 18.14 -8.77 -10.46
N GLU A 235 17.13 -8.94 -11.31
CA GLU A 235 17.10 -8.44 -12.69
C GLU A 235 16.38 -7.09 -12.91
N VAL A 236 15.88 -6.51 -11.82
CA VAL A 236 15.21 -5.20 -11.88
C VAL A 236 16.25 -4.11 -12.08
N THR A 237 15.98 -3.20 -13.02
CA THR A 237 16.88 -2.09 -13.34
C THR A 237 16.33 -0.66 -13.21
N VAL A 238 15.04 -0.49 -12.90
CA VAL A 238 14.53 0.86 -12.67
C VAL A 238 14.96 1.28 -11.29
N PRO A 239 15.24 2.59 -11.13
CA PRO A 239 15.61 3.13 -9.82
C PRO A 239 14.56 2.77 -8.77
N THR A 240 15.01 2.23 -7.64
CA THR A 240 14.14 1.75 -6.59
C THR A 240 14.48 2.39 -5.25
N LEU A 241 13.43 2.84 -4.56
CA LEU A 241 13.55 3.45 -3.24
C LEU A 241 12.72 2.62 -2.28
N VAL A 242 13.33 2.21 -1.19
CA VAL A 242 12.65 1.50 -0.13
C VAL A 242 12.63 2.42 1.08
N ILE A 243 11.44 2.68 1.60
CA ILE A 243 11.25 3.49 2.79
C ILE A 243 10.85 2.60 3.96
N GLN A 244 11.68 2.62 5.00
CA GLN A 244 11.40 2.00 6.30
C GLN A 244 10.80 3.00 7.27
N ALA A 245 9.59 2.73 7.72
CA ALA A 245 9.03 3.45 8.87
C ALA A 245 9.81 2.97 10.08
N GLU A 246 10.37 3.88 10.89
CA GLU A 246 11.28 3.48 11.98
C GLU A 246 10.66 2.51 12.98
N HIS A 247 9.42 2.79 13.39
CA HIS A 247 8.68 1.96 14.35
C HIS A 247 7.48 1.22 13.71
N ASP A 248 7.69 0.65 12.54
CA ASP A 248 6.67 -0.15 11.85
C ASP A 248 6.41 -1.43 12.63
N PRO A 249 5.19 -1.62 13.15
CA PRO A 249 4.87 -2.84 13.90
C PRO A 249 4.51 -4.06 13.04
N ILE A 250 4.29 -3.88 11.75
CA ILE A 250 4.01 -5.02 10.88
C ILE A 250 5.25 -5.52 10.17
N ALA A 251 6.10 -4.59 9.74
CA ALA A 251 7.29 -4.89 8.95
C ALA A 251 8.48 -4.17 9.54
N PRO A 252 8.90 -4.56 10.73
CA PRO A 252 9.94 -3.81 11.44
C PRO A 252 11.28 -3.86 10.75
N ALA A 253 12.14 -2.90 11.06
CA ALA A 253 13.49 -2.92 10.57
C ALA A 253 14.16 -4.21 11.08
N PRO A 254 15.00 -4.86 10.27
CA PRO A 254 15.45 -4.38 8.96
C PRO A 254 14.75 -4.98 7.72
N HIS A 255 13.44 -5.18 7.73
CA HIS A 255 12.74 -5.61 6.53
C HIS A 255 13.00 -4.71 5.33
N GLY A 256 13.05 -3.40 5.55
CA GLY A 256 13.27 -2.44 4.49
C GLY A 256 14.64 -2.65 3.88
N LYS A 257 15.66 -2.69 4.73
CA LYS A 257 17.04 -2.91 4.28
C LYS A 257 17.15 -4.24 3.51
N HIS A 258 16.42 -5.25 4.00
CA HIS A 258 16.44 -6.55 3.34
C HIS A 258 15.80 -6.48 1.94
N LEU A 259 14.70 -5.75 1.84
CA LEU A 259 14.00 -5.61 0.58
C LEU A 259 14.90 -4.87 -0.40
N ALA A 260 15.58 -3.84 0.06
CA ALA A 260 16.51 -3.09 -0.79
C ALA A 260 17.67 -3.98 -1.27
N GLY A 261 18.06 -4.91 -0.42
CA GLY A 261 19.12 -5.85 -0.74
C GLY A 261 18.76 -6.88 -1.82
N LEU A 262 17.50 -6.99 -2.19
CA LEU A 262 17.07 -7.89 -3.27
C LEU A 262 17.13 -7.25 -4.68
N ILE A 263 17.22 -5.93 -4.74
CA ILE A 263 17.13 -5.19 -5.99
C ILE A 263 18.41 -4.35 -6.17
N PRO A 264 19.17 -4.58 -7.24
CA PRO A 264 20.49 -3.93 -7.39
C PRO A 264 20.44 -2.40 -7.45
N THR A 265 19.32 -1.85 -7.93
CA THR A 265 19.10 -0.39 -8.00
C THR A 265 18.40 0.24 -6.78
N ALA A 266 18.29 -0.49 -5.68
CA ALA A 266 17.53 -0.02 -4.53
C ALA A 266 18.41 0.84 -3.62
N ARG A 267 17.82 1.90 -3.10
CA ARG A 267 18.40 2.75 -2.05
C ARG A 267 17.40 2.74 -0.91
N LEU A 268 17.89 2.86 0.32
CA LEU A 268 17.04 2.80 1.50
C LEU A 268 16.96 4.16 2.22
N ALA A 269 15.75 4.54 2.63
CA ALA A 269 15.54 5.72 3.47
C ALA A 269 14.70 5.30 4.66
N GLU A 270 14.85 5.99 5.78
CA GLU A 270 14.07 5.70 6.99
C GLU A 270 13.41 6.99 7.48
N ILE A 271 12.10 6.94 7.74
CA ILE A 271 11.37 8.08 8.34
C ILE A 271 11.38 7.91 9.88
N PRO A 272 12.13 8.77 10.59
CA PRO A 272 12.20 8.63 12.06
C PRO A 272 10.80 8.69 12.69
N GLY A 273 10.58 7.84 13.69
CA GLY A 273 9.33 7.83 14.47
C GLY A 273 8.08 7.24 13.85
N MET A 274 8.06 7.03 12.53
CA MET A 274 6.85 6.63 11.82
C MET A 274 6.41 5.20 12.16
N GLY A 275 5.09 5.00 12.21
CA GLY A 275 4.51 3.68 12.29
C GLY A 275 3.82 3.27 10.99
N HIS A 276 2.85 2.36 11.08
CA HIS A 276 2.22 1.77 9.88
C HIS A 276 0.92 2.50 9.59
N ALA A 277 1.06 3.80 9.32
CA ALA A 277 -0.08 4.67 9.06
C ALA A 277 0.43 5.96 8.43
N LEU A 278 -0.53 6.77 7.97
CA LEU A 278 -0.19 8.01 7.26
C LEU A 278 -0.74 9.28 7.91
N PRO A 279 -0.36 9.57 9.17
CA PRO A 279 -0.76 10.84 9.75
C PRO A 279 -0.11 12.00 8.95
N SER A 280 -0.75 13.17 8.94
CA SER A 280 -0.22 14.32 8.17
C SER A 280 1.16 14.76 8.68
N SER A 281 1.49 14.42 9.93
CA SER A 281 2.86 14.60 10.46
C SER A 281 3.97 13.99 9.57
N VAL A 282 3.69 12.94 8.81
CA VAL A 282 4.72 12.36 7.95
C VAL A 282 4.52 12.61 6.46
N HIS A 283 3.55 13.43 6.10
CA HIS A 283 3.21 13.64 4.68
C HIS A 283 4.33 14.45 4.01
N GLY A 284 4.89 15.42 4.75
CA GLY A 284 5.98 16.25 4.26
C GLY A 284 7.25 15.45 4.00
N PRO A 285 7.78 14.79 5.04
CA PRO A 285 8.93 13.88 4.89
C PRO A 285 8.79 12.81 3.79
N LEU A 286 7.64 12.16 3.68
CA LEU A 286 7.40 11.12 2.67
C LEU A 286 7.40 11.71 1.26
N ALA A 287 6.66 12.79 1.09
CA ALA A 287 6.60 13.48 -0.20
C ALA A 287 8.00 13.93 -0.61
N GLU A 288 8.80 14.40 0.35
CA GLU A 288 10.13 14.92 0.02
C GLU A 288 11.03 13.83 -0.57
N VAL A 289 11.07 12.67 0.06
CA VAL A 289 11.97 11.62 -0.38
C VAL A 289 11.46 10.96 -1.67
N ILE A 290 10.15 10.86 -1.84
CA ILE A 290 9.60 10.27 -3.05
C ILE A 290 9.87 11.21 -4.22
N LEU A 291 9.60 12.49 -4.03
CA LEU A 291 9.88 13.49 -5.07
C LEU A 291 11.35 13.54 -5.48
N ALA A 292 12.24 13.52 -4.52
CA ALA A 292 13.69 13.50 -4.79
C ALA A 292 14.08 12.26 -5.62
N HIS A 293 13.45 11.14 -5.31
CA HIS A 293 13.67 9.88 -6.03
C HIS A 293 13.17 9.97 -7.46
N THR A 294 11.91 10.38 -7.63
CA THR A 294 11.32 10.39 -8.96
C THR A 294 12.07 11.36 -9.87
N ARG A 295 12.57 12.47 -9.32
CA ARG A 295 13.37 13.45 -10.07
C ARG A 295 14.67 12.83 -10.61
N SER A 296 15.34 12.05 -9.80
CA SER A 296 16.61 11.42 -10.20
C SER A 296 16.42 10.32 -11.26
N ALA A 297 15.19 9.83 -11.41
CA ALA A 297 14.87 8.78 -12.38
C ALA A 297 14.39 9.33 -13.72
N ALA A 298 14.58 10.64 -13.96
CA ALA A 298 13.97 11.33 -15.09
C ALA A 298 14.84 12.47 -15.62
#